data_9IB8
#
_entry.id   9IB8
#
_cell.length_a   81.848
_cell.length_b   81.848
_cell.length_c   112.574
_cell.angle_alpha   90.000
_cell.angle_beta   90.000
_cell.angle_gamma   90.000
#
_symmetry.space_group_name_H-M   'P 41 21 2'
#
loop_
_entity.id
_entity.type
_entity.pdbx_description
1 polymer 'Photorhabdus luminescens subsp. laumondii TTO1 complete genome segment 15/17'
2 branched alpha-L-fucopyranose-(1-2)-beta-D-galactopyranose-(1-4)-[alpha-L-fucopyranose-(1-3)]2-acetamido-2-deoxy-alpha-D-glucopyranose
3 water water
#
_entity_poly.entity_id   1
_entity_poly.type   'polypeptide(L)'
_entity_poly.pdbx_seq_one_letter_code
;MSIVFASIDPRSNPLQTSSQNYVDIPGLKLDVSKYSNSPCLTALITLNIPTPYASGNNFPGGNFAIVTDQGEQLAYGGFT
YSSKIPENSGRMPFTLVARYSLASNVSTIKAQWSNIRGSTVHIDSYASISAVIQCNQLV
;
_entity_poly.pdbx_strand_id   C,A,B
#
# COMPACT_ATOMS: atom_id res chain seq x y z
N SER A 2 -9.20 8.32 16.26
CA SER A 2 -8.71 9.56 15.62
C SER A 2 -7.56 9.26 14.66
N ILE A 3 -7.29 10.23 13.79
CA ILE A 3 -6.29 10.13 12.76
C ILE A 3 -5.16 11.08 13.11
N VAL A 4 -3.93 10.60 12.98
CA VAL A 4 -2.76 11.47 12.98
CA VAL A 4 -2.75 11.44 12.98
C VAL A 4 -2.05 11.27 11.64
N PHE A 5 -1.50 12.37 11.10
CA PHE A 5 -0.99 12.35 9.74
C PHE A 5 0.13 13.37 9.54
N ALA A 6 1.13 13.00 8.76
CA ALA A 6 2.17 13.92 8.30
C ALA A 6 2.44 13.57 6.85
N SER A 7 2.74 14.58 6.06
CA SER A 7 3.18 14.34 4.70
C SER A 7 4.35 15.24 4.35
N ILE A 8 5.07 14.81 3.32
CA ILE A 8 6.11 15.63 2.67
C ILE A 8 5.87 15.59 1.16
N ASP A 9 6.43 16.60 0.44
CA ASP A 9 6.35 16.67 -1.00
C ASP A 9 7.62 17.39 -1.43
N PRO A 10 8.78 16.70 -1.37
CA PRO A 10 10.06 17.33 -1.63
C PRO A 10 10.42 17.52 -3.10
N ARG A 11 9.46 18.06 -3.86
CA ARG A 11 9.66 18.16 -5.30
C ARG A 11 10.69 19.24 -5.63
N SER A 12 10.84 20.28 -4.81
CA SER A 12 11.82 21.29 -5.14
C SER A 12 13.10 21.07 -4.33
N ASN A 13 13.11 20.07 -3.44
CA ASN A 13 14.26 19.83 -2.61
C ASN A 13 14.36 18.33 -2.35
N PRO A 14 14.65 17.49 -3.36
CA PRO A 14 14.55 16.05 -3.19
C PRO A 14 15.41 15.51 -2.06
N LEU A 15 14.93 14.42 -1.45
CA LEU A 15 15.62 13.75 -0.37
C LEU A 15 16.38 12.58 -0.96
N GLN A 16 17.51 12.24 -0.33
CA GLN A 16 18.26 11.06 -0.68
C GLN A 16 19.05 10.53 0.49
N THR A 17 19.38 9.24 0.41
CA THR A 17 20.35 8.67 1.35
C THR A 17 21.17 7.61 0.66
N SER A 18 22.44 7.53 1.11
CA SER A 18 23.37 6.47 0.80
CA SER A 18 23.29 6.39 0.80
C SER A 18 23.78 5.77 2.11
N SER A 19 23.00 5.95 3.17
CA SER A 19 23.32 5.37 4.47
C SER A 19 22.99 3.88 4.51
N GLN A 20 23.98 3.08 4.93
CA GLN A 20 23.79 1.67 5.20
C GLN A 20 23.00 1.44 6.49
N ASN A 21 23.02 2.41 7.43
CA ASN A 21 22.25 2.35 8.66
C ASN A 21 20.92 3.07 8.44
N TYR A 22 19.86 2.57 9.07
CA TYR A 22 18.59 3.29 9.06
C TYR A 22 18.79 4.68 9.66
N VAL A 23 18.29 5.65 8.92
CA VAL A 23 18.26 7.04 9.34
C VAL A 23 16.88 7.63 9.07
N ASP A 24 16.52 8.67 9.85
CA ASP A 24 15.22 9.29 9.72
C ASP A 24 15.00 9.89 8.35
N ILE A 25 13.76 9.76 7.85
CA ILE A 25 13.34 10.52 6.70
C ILE A 25 12.75 11.80 7.25
N PRO A 26 13.35 12.97 7.01
CA PRO A 26 12.85 14.18 7.60
C PRO A 26 11.42 14.49 7.21
N GLY A 27 10.62 14.83 8.23
CA GLY A 27 9.26 15.25 8.01
C GLY A 27 8.26 14.10 8.16
N LEU A 28 8.70 12.84 8.02
CA LEU A 28 7.78 11.72 8.17
C LEU A 28 7.78 11.22 9.61
N LYS A 29 7.17 12.01 10.50
CA LYS A 29 7.14 11.74 11.92
C LYS A 29 5.74 12.11 12.44
N LEU A 30 5.24 11.27 13.35
CA LEU A 30 3.98 11.50 14.01
C LEU A 30 4.23 11.76 15.50
N ASP A 31 3.69 12.87 15.95
CA ASP A 31 3.72 13.20 17.37
C ASP A 31 2.52 12.55 18.03
N VAL A 32 2.81 11.54 18.86
CA VAL A 32 1.76 10.80 19.52
C VAL A 32 1.79 11.10 21.02
N SER A 33 2.47 12.19 21.41
N SER A 33 2.40 12.21 21.42
CA SER A 33 2.55 12.60 22.80
CA SER A 33 2.56 12.54 22.84
C SER A 33 1.20 12.62 23.49
C SER A 33 1.22 12.78 23.54
N LYS A 34 0.18 13.14 22.80
CA LYS A 34 -1.14 13.39 23.39
C LYS A 34 -1.82 12.07 23.75
N TYR A 35 -1.35 10.93 23.22
CA TYR A 35 -1.99 9.65 23.34
C TYR A 35 -1.14 8.71 24.16
N SER A 36 0.10 9.11 24.46
CA SER A 36 1.03 8.23 25.14
C SER A 36 0.61 8.00 26.60
N ASN A 37 1.28 7.02 27.21
CA ASN A 37 1.00 6.57 28.57
C ASN A 37 -0.44 6.06 28.71
N SER A 38 -1.02 5.49 27.64
CA SER A 38 -2.41 5.06 27.60
C SER A 38 -2.43 3.59 27.23
N PRO A 39 -2.40 2.71 28.23
CA PRO A 39 -2.28 1.30 27.94
C PRO A 39 -3.42 0.74 27.12
N CYS A 40 -4.57 1.41 27.10
CA CYS A 40 -5.67 0.84 26.35
C CYS A 40 -5.84 1.47 24.96
N LEU A 41 -4.87 2.26 24.48
CA LEU A 41 -4.93 2.76 23.11
C LEU A 41 -3.89 2.07 22.24
N THR A 42 -4.28 1.90 20.95
CA THR A 42 -3.42 1.26 19.96
C THR A 42 -3.39 2.15 18.71
N ALA A 43 -2.24 2.17 18.04
CA ALA A 43 -2.11 2.88 16.78
C ALA A 43 -1.84 1.87 15.67
N LEU A 44 -2.50 2.06 14.52
CA LEU A 44 -2.23 1.32 13.33
C LEU A 44 -1.61 2.33 12.36
N ILE A 45 -0.35 2.10 12.04
CA ILE A 45 0.47 3.12 11.36
C ILE A 45 0.74 2.66 9.94
N THR A 46 0.55 3.56 8.96
CA THR A 46 0.88 3.27 7.57
C THR A 46 1.90 4.28 7.05
N LEU A 47 3.02 3.77 6.54
CA LEU A 47 3.97 4.59 5.81
C LEU A 47 3.73 4.35 4.35
N ASN A 48 3.55 5.44 3.59
CA ASN A 48 3.22 5.38 2.19
C ASN A 48 4.26 6.21 1.44
N ILE A 49 5.08 5.54 0.62
CA ILE A 49 6.10 6.20 -0.19
CA ILE A 49 6.09 6.21 -0.19
C ILE A 49 5.80 5.76 -1.62
N PRO A 50 4.85 6.43 -2.29
CA PRO A 50 4.29 5.89 -3.52
C PRO A 50 5.19 5.95 -4.74
N THR A 51 6.26 6.79 -4.69
CA THR A 51 7.06 6.97 -5.90
C THR A 51 8.56 7.03 -5.64
N PRO A 52 9.13 6.13 -4.83
CA PRO A 52 10.58 6.19 -4.63
C PRO A 52 11.37 5.54 -5.76
N TYR A 53 12.69 5.79 -5.81
CA TYR A 53 13.53 4.99 -6.69
C TYR A 53 14.90 4.95 -6.03
N ALA A 54 15.76 4.09 -6.56
CA ALA A 54 17.13 4.01 -6.08
C ALA A 54 18.09 3.89 -7.27
N SER A 55 19.19 4.60 -7.18
CA SER A 55 20.23 4.57 -8.20
C SER A 55 21.37 3.69 -7.71
N GLY A 56 22.07 3.11 -8.68
CA GLY A 56 23.26 2.35 -8.37
C GLY A 56 23.49 1.24 -9.38
N ASN A 57 24.51 0.41 -9.10
CA ASN A 57 25.02 -0.50 -10.12
CA ASN A 57 25.08 -0.49 -10.09
C ASN A 57 25.19 -1.92 -9.60
N ASN A 58 24.58 -2.21 -8.44
CA ASN A 58 24.59 -3.55 -7.90
C ASN A 58 23.21 -3.98 -7.40
N PHE A 59 22.22 -4.07 -8.32
CA PHE A 59 20.85 -4.43 -7.98
C PHE A 59 20.34 -3.44 -6.93
N PRO A 60 20.27 -2.15 -7.24
CA PRO A 60 19.93 -1.14 -6.24
C PRO A 60 18.51 -1.31 -5.71
N GLY A 61 18.30 -0.71 -4.54
CA GLY A 61 17.00 -0.66 -3.91
C GLY A 61 17.06 0.19 -2.67
N GLY A 62 15.97 0.16 -1.89
CA GLY A 62 15.88 0.93 -0.67
C GLY A 62 15.06 0.16 0.36
N ASN A 63 15.43 0.33 1.63
CA ASN A 63 14.68 -0.23 2.73
C ASN A 63 14.16 0.88 3.62
N PHE A 64 12.98 0.59 4.19
CA PHE A 64 12.24 1.51 5.02
C PHE A 64 11.82 0.81 6.29
N ALA A 65 11.63 1.60 7.34
CA ALA A 65 11.15 1.12 8.62
C ALA A 65 10.29 2.19 9.28
N ILE A 66 9.42 1.69 10.17
CA ILE A 66 8.65 2.52 11.10
C ILE A 66 9.22 2.25 12.48
N VAL A 67 9.63 3.30 13.19
CA VAL A 67 10.40 3.20 14.42
CA VAL A 67 10.39 3.18 14.42
C VAL A 67 9.82 4.15 15.47
N THR A 68 10.03 3.83 16.78
CA THR A 68 9.69 4.79 17.83
C THR A 68 10.87 5.71 18.11
N ASP A 69 10.59 6.76 18.88
CA ASP A 69 11.63 7.76 19.21
C ASP A 69 12.69 7.11 20.07
N GLN A 70 12.35 6.01 20.74
CA GLN A 70 13.34 5.29 21.54
C GLN A 70 14.02 4.18 20.75
N GLY A 71 13.78 4.09 19.43
CA GLY A 71 14.57 3.27 18.53
C GLY A 71 14.05 1.85 18.31
N GLU A 72 12.81 1.51 18.76
CA GLU A 72 12.23 0.21 18.50
C GLU A 72 11.68 0.14 17.07
N GLN A 73 12.13 -0.87 16.35
CA GLN A 73 11.71 -1.04 14.97
C GLN A 73 10.42 -1.82 14.96
N LEU A 74 9.32 -1.21 14.51
CA LEU A 74 8.02 -1.83 14.56
C LEU A 74 7.71 -2.56 13.26
N ALA A 75 8.31 -2.15 12.14
CA ALA A 75 8.08 -2.82 10.87
C ALA A 75 9.19 -2.41 9.90
N TYR A 76 9.41 -3.19 8.85
CA TYR A 76 10.43 -2.88 7.89
C TYR A 76 10.14 -3.62 6.59
N GLY A 77 10.67 -3.05 5.51
CA GLY A 77 10.61 -3.72 4.22
C GLY A 77 11.25 -2.86 3.14
N GLY A 78 11.14 -3.28 1.89
CA GLY A 78 11.75 -2.44 0.86
C GLY A 78 11.53 -2.96 -0.56
N PHE A 79 12.12 -2.21 -1.48
CA PHE A 79 12.07 -2.58 -2.88
C PHE A 79 13.47 -2.79 -3.42
N THR A 80 13.60 -3.58 -4.49
CA THR A 80 14.82 -3.70 -5.28
C THR A 80 14.48 -3.96 -6.73
N TYR A 81 15.41 -3.60 -7.61
CA TYR A 81 15.31 -3.89 -9.02
C TYR A 81 15.88 -5.29 -9.30
N SER A 82 15.48 -5.85 -10.46
CA SER A 82 15.79 -7.23 -10.79
C SER A 82 17.00 -7.29 -11.74
N SER A 83 17.50 -6.13 -12.18
CA SER A 83 18.69 -6.06 -13.02
CA SER A 83 18.69 -6.09 -13.01
C SER A 83 19.82 -5.40 -12.25
N LYS A 84 21.06 -5.84 -12.52
CA LYS A 84 22.18 -5.37 -11.73
C LYS A 84 22.37 -3.88 -11.91
N ILE A 85 22.26 -3.42 -13.17
CA ILE A 85 22.42 -2.01 -13.48
C ILE A 85 21.20 -1.58 -14.26
N PRO A 86 20.12 -1.14 -13.56
CA PRO A 86 18.91 -0.76 -14.28
C PRO A 86 19.21 0.36 -15.28
N GLU A 87 18.56 0.27 -16.43
CA GLU A 87 18.72 1.24 -17.50
C GLU A 87 18.30 2.61 -17.00
N ASN A 88 17.14 2.68 -16.35
CA ASN A 88 16.82 3.91 -15.65
C ASN A 88 15.92 3.60 -14.47
N SER A 89 16.45 3.76 -13.26
CA SER A 89 15.80 3.28 -12.05
C SER A 89 14.37 3.80 -11.91
N GLY A 90 13.46 2.84 -12.05
CA GLY A 90 12.04 3.10 -12.08
C GLY A 90 11.43 3.34 -10.70
N ARG A 91 10.21 3.86 -10.72
CA ARG A 91 9.49 4.17 -9.50
C ARG A 91 8.78 2.91 -9.05
N MET A 92 9.06 2.52 -7.81
CA MET A 92 8.57 1.27 -7.23
CA MET A 92 8.61 1.28 -7.21
C MET A 92 7.78 1.61 -5.97
N PRO A 93 6.45 1.75 -6.10
CA PRO A 93 5.60 2.13 -4.97
C PRO A 93 5.81 1.24 -3.76
N PHE A 94 5.78 1.87 -2.57
CA PHE A 94 6.01 1.16 -1.31
C PHE A 94 5.03 1.63 -0.24
N THR A 95 4.52 0.66 0.51
CA THR A 95 3.65 0.91 1.64
C THR A 95 4.04 -0.09 2.73
N LEU A 96 4.00 0.35 4.00
CA LEU A 96 4.37 -0.45 5.16
C LEU A 96 3.36 -0.20 6.26
N VAL A 97 2.90 -1.24 6.93
CA VAL A 97 1.90 -1.11 7.98
C VAL A 97 2.42 -1.75 9.28
N ALA A 98 2.30 -0.99 10.39
CA ALA A 98 2.71 -1.44 11.70
C ALA A 98 1.64 -1.16 12.74
N ARG A 99 1.80 -1.81 13.91
CA ARG A 99 0.92 -1.58 15.03
CA ARG A 99 0.91 -1.62 15.04
C ARG A 99 1.78 -1.22 16.23
N TYR A 100 1.25 -0.35 17.06
CA TYR A 100 1.94 0.02 18.27
C TYR A 100 0.95 0.32 19.38
N SER A 101 1.16 -0.34 20.55
CA SER A 101 0.46 -0.03 21.77
C SER A 101 0.96 1.30 22.27
N LEU A 102 0.07 2.13 22.81
CA LEU A 102 0.48 3.43 23.30
C LEU A 102 0.65 3.47 24.83
N ALA A 103 0.92 2.31 25.42
CA ALA A 103 1.09 2.19 26.87
C ALA A 103 2.32 2.91 27.40
N SER A 104 3.40 2.94 26.60
CA SER A 104 4.68 3.51 27.01
C SER A 104 4.65 5.04 26.97
N ASN A 105 5.77 5.69 27.33
CA ASN A 105 5.93 7.15 27.23
C ASN A 105 6.47 7.59 25.86
N VAL A 106 6.35 6.73 24.84
CA VAL A 106 6.67 7.06 23.44
C VAL A 106 6.04 8.38 23.04
N SER A 107 6.78 9.26 22.37
CA SER A 107 6.21 10.53 21.95
C SER A 107 6.15 10.66 20.43
N THR A 108 6.99 9.92 19.72
CA THR A 108 7.08 10.01 18.28
C THR A 108 7.10 8.61 17.65
N ILE A 109 6.37 8.44 16.54
CA ILE A 109 6.59 7.33 15.63
C ILE A 109 7.05 7.93 14.30
N LYS A 110 8.13 7.40 13.74
CA LYS A 110 8.69 7.99 12.54
C LYS A 110 9.19 6.99 11.53
N ALA A 111 9.42 7.51 10.32
CA ALA A 111 9.93 6.71 9.25
C ALA A 111 11.43 6.79 9.13
N GLN A 112 12.07 5.67 8.77
CA GLN A 112 13.49 5.62 8.52
C GLN A 112 13.73 4.95 7.17
N TRP A 113 14.92 5.22 6.61
CA TRP A 113 15.34 4.53 5.41
C TRP A 113 16.83 4.21 5.41
N SER A 114 17.19 3.28 4.55
CA SER A 114 18.56 2.87 4.34
C SER A 114 18.72 2.30 2.94
N ASN A 115 19.98 2.24 2.50
CA ASN A 115 20.33 1.79 1.17
C ASN A 115 20.53 0.28 1.08
N ILE A 116 20.76 -0.17 -0.17
CA ILE A 116 20.96 -1.58 -0.49
C ILE A 116 22.13 -1.68 -1.45
N ARG A 117 23.15 -2.47 -1.09
CA ARG A 117 24.28 -2.69 -1.99
C ARG A 117 24.84 -1.38 -2.57
N GLY A 118 25.02 -0.39 -1.70
CA GLY A 118 25.67 0.85 -2.05
C GLY A 118 24.84 1.79 -2.92
N SER A 119 23.51 1.56 -2.95
CA SER A 119 22.61 2.43 -3.69
C SER A 119 22.43 3.80 -3.04
N THR A 120 21.83 4.73 -3.80
CA THR A 120 21.30 5.95 -3.23
C THR A 120 19.79 5.90 -3.40
N VAL A 121 19.06 6.07 -2.30
CA VAL A 121 17.59 6.03 -2.35
C VAL A 121 17.12 7.45 -2.49
N HIS A 122 16.03 7.66 -3.24
CA HIS A 122 15.53 8.99 -3.53
C HIS A 122 14.02 9.11 -3.33
N ILE A 123 13.59 10.22 -2.73
CA ILE A 123 12.18 10.64 -2.73
C ILE A 123 12.12 12.06 -3.25
N ASP A 124 11.29 12.30 -4.29
CA ASP A 124 11.20 13.64 -4.88
C ASP A 124 9.74 14.06 -5.07
N SER A 125 8.82 13.49 -4.32
CA SER A 125 7.40 13.73 -4.51
C SER A 125 6.67 13.27 -3.26
N TYR A 126 5.35 13.48 -3.26
N TYR A 126 5.33 13.37 -3.29
CA TYR A 126 4.49 13.20 -2.13
CA TYR A 126 4.48 13.17 -2.14
C TYR A 126 4.77 11.84 -1.47
C TYR A 126 4.75 11.83 -1.47
N ALA A 127 4.76 11.87 -0.13
CA ALA A 127 4.85 10.69 0.69
C ALA A 127 4.21 11.03 2.02
N SER A 128 3.71 10.01 2.74
CA SER A 128 3.03 10.25 4.00
C SER A 128 3.28 9.16 5.01
N ILE A 129 3.02 9.54 6.26
CA ILE A 129 2.91 8.61 7.37
C ILE A 129 1.64 8.96 8.14
N SER A 130 0.86 7.95 8.55
CA SER A 130 -0.42 8.19 9.18
C SER A 130 -0.72 7.12 10.22
N ALA A 131 -1.62 7.43 11.13
CA ALA A 131 -2.04 6.41 12.09
C ALA A 131 -3.51 6.58 12.40
N VAL A 132 -4.16 5.45 12.59
CA VAL A 132 -5.50 5.38 13.15
C VAL A 132 -5.31 4.96 14.61
N ILE A 133 -5.84 5.75 15.56
CA ILE A 133 -5.62 5.49 16.98
C ILE A 133 -6.97 5.17 17.58
N GLN A 134 -7.08 3.99 18.19
CA GLN A 134 -8.37 3.47 18.64
C GLN A 134 -8.20 2.85 20.02
N CYS A 135 -9.29 2.85 20.83
CA CYS A 135 -9.38 2.00 21.99
C CYS A 135 -9.29 0.52 21.60
N ASN A 136 -8.75 -0.33 22.47
CA ASN A 136 -8.67 -1.75 22.14
C ASN A 136 -10.06 -2.36 21.90
N SER B 2 -16.18 5.76 10.91
CA SER B 2 -16.96 5.11 9.82
CA SER B 2 -16.94 5.05 9.85
C SER B 2 -16.03 4.76 8.68
N ILE B 3 -16.49 3.85 7.82
CA ILE B 3 -15.78 3.49 6.61
C ILE B 3 -16.63 3.84 5.41
N VAL B 4 -15.99 4.44 4.41
CA VAL B 4 -16.59 4.62 3.09
CA VAL B 4 -16.58 4.60 3.10
C VAL B 4 -15.70 3.85 2.11
N PHE B 5 -16.33 3.23 1.11
CA PHE B 5 -15.57 2.29 0.29
C PHE B 5 -16.20 2.18 -1.08
N ALA B 6 -15.35 2.01 -2.10
CA ALA B 6 -15.78 1.62 -3.40
C ALA B 6 -14.70 0.76 -4.05
N SER B 7 -15.13 -0.28 -4.77
CA SER B 7 -14.19 -1.08 -5.50
C SER B 7 -14.73 -1.37 -6.89
N ILE B 8 -13.79 -1.67 -7.77
CA ILE B 8 -14.08 -2.13 -9.14
C ILE B 8 -13.32 -3.44 -9.37
N ASP B 9 -13.84 -4.26 -10.30
CA ASP B 9 -13.19 -5.50 -10.72
C ASP B 9 -13.51 -5.68 -12.20
N PRO B 10 -12.94 -4.85 -13.08
CA PRO B 10 -13.36 -4.80 -14.47
C PRO B 10 -12.69 -5.89 -15.32
N ARG B 11 -12.83 -7.15 -14.91
CA ARG B 11 -12.13 -8.22 -15.62
C ARG B 11 -12.69 -8.39 -17.02
N SER B 12 -14.01 -8.25 -17.16
CA SER B 12 -14.64 -8.52 -18.45
C SER B 12 -14.51 -7.32 -19.38
N ASN B 13 -14.35 -6.13 -18.80
CA ASN B 13 -14.39 -4.88 -19.53
C ASN B 13 -13.28 -3.98 -19.01
N PRO B 14 -12.01 -4.33 -19.26
CA PRO B 14 -10.89 -3.64 -18.61
C PRO B 14 -10.84 -2.14 -18.92
N LEU B 15 -10.19 -1.42 -18.00
CA LEU B 15 -10.00 0.01 -18.14
C LEU B 15 -8.59 0.30 -18.65
N GLN B 16 -8.47 1.42 -19.34
CA GLN B 16 -7.15 1.90 -19.76
C GLN B 16 -7.18 3.41 -19.94
N THR B 17 -5.99 4.04 -19.88
CA THR B 17 -5.84 5.43 -20.28
C THR B 17 -4.47 5.67 -20.92
N SER B 18 -4.50 6.50 -21.97
CA SER B 18 -3.32 7.10 -22.54
CA SER B 18 -3.29 7.10 -22.50
C SER B 18 -3.42 8.62 -22.41
N SER B 19 -4.25 9.10 -21.47
CA SER B 19 -4.40 10.52 -21.27
C SER B 19 -3.17 11.12 -20.62
N GLN B 20 -2.65 12.20 -21.21
CA GLN B 20 -1.52 12.92 -20.66
C GLN B 20 -1.95 13.64 -19.38
N ASN B 21 -3.22 14.00 -19.30
CA ASN B 21 -3.78 14.75 -18.20
C ASN B 21 -4.59 13.81 -17.32
N TYR B 22 -4.65 14.14 -16.02
CA TYR B 22 -5.38 13.27 -15.11
C TYR B 22 -6.86 13.26 -15.48
N VAL B 23 -7.42 12.06 -15.51
CA VAL B 23 -8.82 11.84 -15.72
C VAL B 23 -9.28 10.82 -14.68
N ASP B 24 -10.57 10.85 -14.40
CA ASP B 24 -11.15 9.93 -13.42
C ASP B 24 -10.98 8.48 -13.82
N ILE B 25 -10.72 7.64 -12.80
CA ILE B 25 -10.77 6.20 -12.99
C ILE B 25 -12.22 5.77 -12.76
N PRO B 26 -12.92 5.27 -13.79
CA PRO B 26 -14.33 4.92 -13.58
C PRO B 26 -14.59 4.02 -12.39
N GLY B 27 -15.55 4.43 -11.54
CA GLY B 27 -16.02 3.61 -10.45
C GLY B 27 -15.31 3.83 -9.12
N LEU B 28 -14.11 4.43 -9.16
CA LEU B 28 -13.35 4.66 -7.93
C LEU B 28 -13.65 6.06 -7.36
N LYS B 29 -14.84 6.21 -6.77
CA LYS B 29 -15.31 7.47 -6.23
C LYS B 29 -15.94 7.15 -4.88
N LEU B 30 -15.70 8.04 -3.93
CA LEU B 30 -16.34 7.98 -2.64
C LEU B 30 -17.32 9.12 -2.48
N ASP B 31 -18.49 8.75 -1.98
CA ASP B 31 -19.48 9.76 -1.65
C ASP B 31 -19.36 10.12 -0.18
N VAL B 32 -18.94 11.36 0.07
CA VAL B 32 -18.79 11.88 1.40
C VAL B 32 -19.83 12.93 1.72
N SER B 33 -20.88 13.05 0.89
CA SER B 33 -21.79 14.20 1.05
C SER B 33 -22.47 14.22 2.42
N LYS B 34 -22.61 13.06 3.08
CA LYS B 34 -23.26 13.02 4.38
C LYS B 34 -22.39 13.73 5.42
N TYR B 35 -21.07 13.79 5.18
CA TYR B 35 -20.16 14.41 6.14
C TYR B 35 -19.70 15.80 5.75
N SER B 36 -20.13 16.35 4.61
CA SER B 36 -19.73 17.67 4.12
C SER B 36 -19.92 18.72 5.22
N ASN B 37 -18.89 19.52 5.40
CA ASN B 37 -18.88 20.68 6.28
C ASN B 37 -18.94 20.27 7.74
N SER B 38 -18.46 19.07 8.07
CA SER B 38 -18.28 18.67 9.46
C SER B 38 -16.99 19.30 9.97
N PRO B 39 -17.06 20.09 11.04
CA PRO B 39 -15.87 20.81 11.49
C PRO B 39 -14.81 19.98 12.23
N CYS B 40 -15.12 18.74 12.63
CA CYS B 40 -14.15 18.04 13.47
C CYS B 40 -13.87 16.64 12.93
N LEU B 41 -14.15 16.42 11.64
CA LEU B 41 -13.97 15.07 11.11
C LEU B 41 -12.82 15.10 10.10
N THR B 42 -12.02 14.04 10.08
CA THR B 42 -10.96 13.83 9.10
C THR B 42 -11.17 12.48 8.45
N ALA B 43 -10.80 12.41 7.16
CA ALA B 43 -10.80 11.15 6.41
C ALA B 43 -9.36 10.77 6.07
N LEU B 44 -9.01 9.51 6.27
CA LEU B 44 -7.78 8.96 5.80
C LEU B 44 -8.15 8.09 4.61
N ILE B 45 -7.66 8.49 3.45
CA ILE B 45 -8.11 7.94 2.19
C ILE B 45 -7.00 7.07 1.65
N THR B 46 -7.34 5.86 1.20
CA THR B 46 -6.36 4.98 0.60
C THR B 46 -6.85 4.55 -0.77
N LEU B 47 -6.02 4.78 -1.80
CA LEU B 47 -6.26 4.30 -3.16
C LEU B 47 -5.38 3.08 -3.35
N ASN B 48 -6.01 1.95 -3.63
CA ASN B 48 -5.29 0.71 -3.74
C ASN B 48 -5.47 0.19 -5.16
N ILE B 49 -4.39 0.16 -5.95
CA ILE B 49 -4.44 -0.41 -7.30
C ILE B 49 -3.40 -1.51 -7.32
N PRO B 50 -3.76 -2.72 -6.89
CA PRO B 50 -2.78 -3.74 -6.62
C PRO B 50 -2.16 -4.38 -7.84
N THR B 51 -2.81 -4.26 -9.02
CA THR B 51 -2.31 -5.04 -10.15
C THR B 51 -2.29 -4.25 -11.47
N PRO B 52 -1.81 -3.00 -11.55
CA PRO B 52 -1.82 -2.25 -12.80
C PRO B 52 -0.60 -2.63 -13.62
N TYR B 53 -0.60 -2.21 -14.89
CA TYR B 53 0.58 -2.20 -15.71
C TYR B 53 0.47 -1.06 -16.69
N ALA B 54 1.59 -0.78 -17.40
CA ALA B 54 1.59 0.26 -18.42
C ALA B 54 2.41 -0.26 -19.59
N SER B 55 1.79 -0.24 -20.77
N SER B 55 1.77 -0.26 -20.78
CA SER B 55 2.48 -0.64 -21.98
CA SER B 55 2.45 -0.58 -22.02
C SER B 55 3.07 0.59 -22.67
C SER B 55 3.20 0.64 -22.52
N GLY B 56 4.21 0.40 -23.36
CA GLY B 56 4.80 1.51 -24.11
C GLY B 56 6.28 1.25 -24.36
N ASN B 57 6.95 2.21 -24.99
CA ASN B 57 8.32 1.92 -25.42
C ASN B 57 9.27 3.06 -25.07
N ASN B 58 8.91 3.89 -24.09
CA ASN B 58 9.80 4.92 -23.59
C ASN B 58 9.68 5.04 -22.08
N PHE B 59 10.20 4.02 -21.39
CA PHE B 59 10.16 3.91 -19.93
C PHE B 59 8.73 4.17 -19.46
N PRO B 60 7.79 3.27 -19.80
CA PRO B 60 6.39 3.51 -19.51
C PRO B 60 6.08 3.45 -18.02
N GLY B 61 4.90 3.96 -17.67
CA GLY B 61 4.45 3.93 -16.29
C GLY B 61 3.10 4.58 -16.22
N GLY B 62 2.63 4.74 -14.98
CA GLY B 62 1.35 5.38 -14.78
C GLY B 62 1.35 6.20 -13.51
N ASN B 63 0.62 7.29 -13.56
CA ASN B 63 0.44 8.14 -12.41
C ASN B 63 -0.99 8.08 -11.91
N PHE B 64 -1.13 8.22 -10.60
CA PHE B 64 -2.41 8.19 -9.92
C PHE B 64 -2.51 9.34 -8.94
N ALA B 65 -3.75 9.80 -8.71
CA ALA B 65 -3.99 10.84 -7.75
C ALA B 65 -5.33 10.61 -7.05
N ILE B 66 -5.45 11.23 -5.87
CA ILE B 66 -6.68 11.32 -5.14
C ILE B 66 -7.11 12.76 -5.19
N VAL B 67 -8.36 13.03 -5.66
CA VAL B 67 -8.76 14.40 -5.96
CA VAL B 67 -8.77 14.40 -5.97
C VAL B 67 -10.18 14.64 -5.44
N THR B 68 -10.48 15.88 -5.06
CA THR B 68 -11.83 16.24 -4.68
C THR B 68 -12.62 16.63 -5.93
N ASP B 69 -13.94 16.72 -5.75
N ASP B 69 -13.94 16.73 -5.74
CA ASP B 69 -14.82 17.11 -6.84
CA ASP B 69 -14.82 17.11 -6.83
C ASP B 69 -14.64 18.58 -7.23
C ASP B 69 -14.58 18.55 -7.27
N GLN B 70 -13.86 19.35 -6.46
CA GLN B 70 -13.52 20.73 -6.81
C GLN B 70 -12.17 20.81 -7.52
N GLY B 71 -11.50 19.66 -7.69
CA GLY B 71 -10.28 19.59 -8.50
C GLY B 71 -8.99 19.67 -7.68
N GLU B 72 -9.10 19.66 -6.34
CA GLU B 72 -7.94 19.73 -5.47
C GLU B 72 -7.28 18.36 -5.41
N GLN B 73 -6.00 18.33 -5.77
CA GLN B 73 -5.23 17.11 -5.71
C GLN B 73 -4.69 16.89 -4.30
N LEU B 74 -5.16 15.83 -3.60
CA LEU B 74 -4.78 15.59 -2.21
C LEU B 74 -3.50 14.81 -2.08
N ALA B 75 -3.17 14.02 -3.08
CA ALA B 75 -2.01 13.15 -3.08
C ALA B 75 -1.80 12.67 -4.51
N TYR B 76 -0.58 12.22 -4.82
CA TYR B 76 -0.29 11.68 -6.14
C TYR B 76 0.96 10.82 -6.04
N GLY B 77 1.12 9.94 -7.02
CA GLY B 77 2.35 9.15 -7.14
C GLY B 77 2.22 8.24 -8.34
N GLY B 78 3.20 7.38 -8.55
CA GLY B 78 3.13 6.53 -9.72
C GLY B 78 4.19 5.44 -9.74
N PHE B 79 4.09 4.56 -10.74
CA PHE B 79 5.05 3.52 -10.98
C PHE B 79 5.67 3.75 -12.35
N THR B 80 6.92 3.28 -12.50
CA THR B 80 7.54 3.22 -13.83
C THR B 80 8.48 2.03 -13.87
N TYR B 81 8.73 1.56 -15.10
CA TYR B 81 9.64 0.46 -15.35
C TYR B 81 11.05 0.99 -15.51
N SER B 82 11.96 0.05 -15.33
CA SER B 82 13.37 0.41 -15.32
C SER B 82 14.03 0.21 -16.68
N SER B 83 13.31 -0.30 -17.68
CA SER B 83 13.82 -0.49 -19.04
CA SER B 83 13.86 -0.42 -19.03
C SER B 83 13.03 0.39 -20.00
N LYS B 84 13.66 0.85 -21.10
CA LYS B 84 13.01 1.69 -22.07
C LYS B 84 11.81 0.99 -22.68
N ILE B 85 12.03 -0.27 -23.05
CA ILE B 85 11.02 -1.11 -23.68
C ILE B 85 10.96 -2.39 -22.88
N PRO B 86 10.08 -2.46 -21.88
CA PRO B 86 9.94 -3.69 -21.09
C PRO B 86 9.58 -4.89 -21.97
N GLU B 87 10.13 -6.05 -21.67
CA GLU B 87 9.88 -7.22 -22.49
C GLU B 87 8.39 -7.51 -22.51
N ASN B 88 7.76 -7.52 -21.33
CA ASN B 88 6.32 -7.58 -21.28
C ASN B 88 5.90 -6.94 -19.96
N SER B 89 5.43 -5.70 -20.06
CA SER B 89 5.19 -4.85 -18.89
C SER B 89 4.46 -5.63 -17.81
N GLY B 90 5.07 -5.70 -16.62
CA GLY B 90 4.57 -6.50 -15.52
C GLY B 90 3.70 -5.68 -14.57
N ARG B 91 3.13 -6.41 -13.61
CA ARG B 91 2.20 -5.83 -12.64
C ARG B 91 2.98 -5.19 -11.50
N MET B 92 2.77 -3.87 -11.29
CA MET B 92 3.50 -3.06 -10.32
CA MET B 92 3.48 -3.02 -10.35
C MET B 92 2.51 -2.52 -9.29
N PRO B 93 2.32 -3.21 -8.14
CA PRO B 93 1.31 -2.83 -7.15
C PRO B 93 1.49 -1.38 -6.71
N PHE B 94 0.38 -0.66 -6.47
CA PHE B 94 0.41 0.74 -6.18
C PHE B 94 -0.61 1.05 -5.09
N THR B 95 -0.20 1.78 -4.06
CA THR B 95 -1.06 2.27 -3.00
C THR B 95 -0.70 3.71 -2.72
N LEU B 96 -1.70 4.53 -2.39
CA LEU B 96 -1.54 5.96 -2.18
C LEU B 96 -2.43 6.36 -1.03
N VAL B 97 -1.90 7.13 -0.06
CA VAL B 97 -2.66 7.52 1.11
C VAL B 97 -2.72 9.04 1.16
N ALA B 98 -3.89 9.54 1.48
CA ALA B 98 -4.15 10.97 1.60
C ALA B 98 -4.95 11.25 2.86
N ARG B 99 -4.92 12.52 3.26
CA ARG B 99 -5.75 13.00 4.34
C ARG B 99 -6.66 14.07 3.76
N TYR B 100 -7.89 14.09 4.29
CA TYR B 100 -8.84 15.11 3.88
C TYR B 100 -9.67 15.56 5.08
N SER B 101 -9.68 16.86 5.33
CA SER B 101 -10.58 17.41 6.32
C SER B 101 -11.97 17.52 5.73
N LEU B 102 -12.96 17.07 6.45
CA LEU B 102 -14.32 17.20 5.92
C LEU B 102 -14.89 18.58 6.15
N ALA B 103 -14.08 19.52 6.66
CA ALA B 103 -14.56 20.88 6.77
C ALA B 103 -14.54 21.60 5.42
N SER B 104 -15.45 21.19 4.55
CA SER B 104 -15.49 21.55 3.17
C SER B 104 -16.86 21.17 2.64
N ASN B 105 -17.30 21.86 1.60
CA ASN B 105 -18.55 21.53 0.96
C ASN B 105 -18.39 20.42 -0.08
N VAL B 106 -17.17 19.92 -0.28
CA VAL B 106 -16.93 18.82 -1.21
C VAL B 106 -17.85 17.67 -0.87
N SER B 107 -18.36 17.01 -1.94
CA SER B 107 -19.26 15.88 -1.78
CA SER B 107 -19.31 15.90 -1.87
C SER B 107 -18.68 14.56 -2.30
N THR B 108 -17.66 14.60 -3.17
CA THR B 108 -17.07 13.40 -3.73
C THR B 108 -15.53 13.47 -3.70
N ILE B 109 -14.90 12.33 -3.39
CA ILE B 109 -13.46 12.16 -3.52
C ILE B 109 -13.24 11.05 -4.53
N LYS B 110 -12.35 11.26 -5.47
CA LYS B 110 -12.20 10.24 -6.49
C LYS B 110 -10.75 10.02 -6.88
N ALA B 111 -10.57 8.87 -7.50
CA ALA B 111 -9.29 8.50 -8.04
C ALA B 111 -9.13 9.00 -9.46
N GLN B 112 -7.91 9.46 -9.79
CA GLN B 112 -7.58 9.83 -11.16
C GLN B 112 -6.27 9.17 -11.59
N TRP B 113 -6.11 9.09 -12.90
CA TRP B 113 -4.89 8.53 -13.46
C TRP B 113 -4.51 9.27 -14.74
N SER B 114 -3.24 9.14 -15.08
CA SER B 114 -2.65 9.66 -16.29
C SER B 114 -1.46 8.82 -16.71
N ASN B 115 -0.99 9.01 -17.95
CA ASN B 115 0.06 8.20 -18.50
C ASN B 115 1.41 8.88 -18.31
N ILE B 116 2.45 8.22 -18.78
CA ILE B 116 3.80 8.74 -18.71
C ILE B 116 4.49 8.40 -20.03
N ARG B 117 5.13 9.40 -20.68
CA ARG B 117 5.91 9.16 -21.89
C ARG B 117 5.14 8.36 -22.95
N GLY B 118 3.86 8.70 -23.08
CA GLY B 118 3.02 8.14 -24.11
C GLY B 118 2.57 6.71 -23.84
N SER B 119 2.70 6.23 -22.58
CA SER B 119 2.26 4.90 -22.19
C SER B 119 0.74 4.76 -22.25
N THR B 120 0.26 3.51 -22.18
CA THR B 120 -1.11 3.20 -21.85
C THR B 120 -1.09 2.46 -20.51
N VAL B 121 -1.85 3.00 -19.57
CA VAL B 121 -2.05 2.38 -18.25
C VAL B 121 -3.27 1.50 -18.30
N HIS B 122 -3.21 0.38 -17.57
CA HIS B 122 -4.27 -0.63 -17.58
C HIS B 122 -4.65 -1.11 -16.19
N ILE B 123 -5.96 -1.28 -15.96
CA ILE B 123 -6.52 -1.95 -14.79
C ILE B 123 -7.50 -2.99 -15.32
N ASP B 124 -7.27 -4.27 -15.01
CA ASP B 124 -8.15 -5.33 -15.51
C ASP B 124 -8.59 -6.25 -14.42
N SER B 125 -8.51 -5.76 -13.16
CA SER B 125 -8.81 -6.57 -12.01
C SER B 125 -9.07 -5.64 -10.84
N TYR B 126 -9.34 -6.24 -9.68
CA TYR B 126 -9.74 -5.55 -8.49
C TYR B 126 -8.85 -4.35 -8.18
N ALA B 127 -9.53 -3.28 -7.76
CA ALA B 127 -8.92 -2.04 -7.28
C ALA B 127 -9.94 -1.41 -6.36
N SER B 128 -9.48 -0.58 -5.43
CA SER B 128 -10.38 0.03 -4.46
C SER B 128 -9.92 1.43 -4.07
N ILE B 129 -10.90 2.17 -3.55
CA ILE B 129 -10.66 3.43 -2.86
C ILE B 129 -11.47 3.37 -1.58
N SER B 130 -10.88 3.87 -0.49
CA SER B 130 -11.55 3.75 0.80
C SER B 130 -11.18 4.93 1.68
N ALA B 131 -12.00 5.16 2.70
CA ALA B 131 -11.62 6.10 3.73
C ALA B 131 -12.10 5.65 5.07
N VAL B 132 -11.27 5.96 6.08
CA VAL B 132 -11.67 5.85 7.47
C VAL B 132 -11.96 7.27 7.93
N ILE B 133 -13.16 7.51 8.48
CA ILE B 133 -13.57 8.84 8.86
C ILE B 133 -13.74 8.88 10.37
N GLN B 134 -13.03 9.81 11.02
CA GLN B 134 -13.09 9.84 12.46
CA GLN B 134 -12.93 9.85 12.46
C GLN B 134 -13.00 11.27 12.98
N CYS B 135 -13.56 11.41 14.19
CA CYS B 135 -13.51 12.65 14.91
C CYS B 135 -12.07 12.89 15.31
N ASN B 136 -11.64 14.13 15.20
CA ASN B 136 -10.29 14.52 15.55
C ASN B 136 -9.98 14.33 17.03
N GLN B 137 -10.98 14.35 17.92
CA GLN B 137 -10.72 14.10 19.34
C GLN B 137 -11.04 12.65 19.76
N SER C 2 -12.29 -0.23 16.31
CA SER C 2 -11.17 -0.99 16.92
C SER C 2 -10.25 -1.52 15.83
N ILE C 3 -9.09 -1.99 16.28
CA ILE C 3 -8.00 -2.49 15.44
C ILE C 3 -7.83 -3.99 15.71
N VAL C 4 -7.78 -4.78 14.63
CA VAL C 4 -7.27 -6.13 14.72
CA VAL C 4 -7.29 -6.15 14.70
C VAL C 4 -6.04 -6.25 13.83
N PHE C 5 -5.04 -6.98 14.31
CA PHE C 5 -3.77 -7.03 13.62
C PHE C 5 -3.08 -8.37 13.80
N ALA C 6 -2.34 -8.79 12.78
CA ALA C 6 -1.45 -9.95 12.83
C ALA C 6 -0.25 -9.70 11.95
N SER C 7 0.95 -10.01 12.46
CA SER C 7 2.15 -9.91 11.64
C SER C 7 2.99 -11.18 11.72
N ILE C 8 3.82 -11.37 10.68
CA ILE C 8 4.85 -12.40 10.66
C ILE C 8 6.17 -11.73 10.30
N ASP C 9 7.28 -12.41 10.62
CA ASP C 9 8.61 -11.96 10.27
C ASP C 9 9.48 -13.18 10.10
N PRO C 10 9.29 -13.96 9.03
CA PRO C 10 9.93 -15.26 8.87
C PRO C 10 11.36 -15.21 8.31
N ARG C 11 12.25 -14.54 9.01
CA ARG C 11 13.64 -14.42 8.63
C ARG C 11 14.38 -15.76 8.73
N SER C 12 14.18 -16.49 9.82
CA SER C 12 14.94 -17.71 10.04
C SER C 12 14.39 -18.85 9.19
N ASN C 13 13.06 -18.87 9.04
CA ASN C 13 12.35 -19.93 8.36
C ASN C 13 11.43 -19.32 7.31
N PRO C 14 11.98 -18.87 6.19
CA PRO C 14 11.15 -18.22 5.17
C PRO C 14 9.99 -19.06 4.67
N LEU C 15 8.99 -18.37 4.13
CA LEU C 15 7.80 -18.98 3.57
C LEU C 15 7.91 -18.96 2.05
N GLN C 16 7.35 -19.99 1.42
CA GLN C 16 7.29 -20.07 -0.02
C GLN C 16 6.06 -20.86 -0.46
N THR C 17 5.60 -20.59 -1.69
CA THR C 17 4.58 -21.41 -2.31
C THR C 17 4.85 -21.51 -3.81
N SER C 18 4.59 -22.72 -4.35
CA SER C 18 4.55 -22.94 -5.79
CA SER C 18 4.54 -22.92 -5.78
C SER C 18 3.16 -23.42 -6.17
N SER C 19 2.15 -23.18 -5.30
CA SER C 19 0.77 -23.59 -5.56
C SER C 19 0.14 -22.64 -6.57
N GLN C 20 -0.45 -23.20 -7.62
CA GLN C 20 -1.27 -22.42 -8.52
C GLN C 20 -2.60 -22.04 -7.85
N ASN C 21 -3.07 -22.78 -6.84
CA ASN C 21 -4.30 -22.40 -6.15
CA ASN C 21 -4.30 -22.47 -6.13
C ASN C 21 -3.96 -21.60 -4.91
N TYR C 22 -4.88 -20.71 -4.55
CA TYR C 22 -4.69 -19.88 -3.37
C TYR C 22 -4.63 -20.80 -2.16
N VAL C 23 -3.58 -20.60 -1.33
CA VAL C 23 -3.41 -21.26 -0.04
C VAL C 23 -3.16 -20.19 1.04
N ASP C 24 -3.51 -20.51 2.29
CA ASP C 24 -3.29 -19.56 3.38
C ASP C 24 -1.83 -19.21 3.55
N ILE C 25 -1.59 -17.95 3.90
CA ILE C 25 -0.29 -17.58 4.41
C ILE C 25 -0.30 -17.79 5.93
N PRO C 26 0.50 -18.71 6.50
CA PRO C 26 0.42 -18.97 7.93
C PRO C 26 0.75 -17.71 8.73
N GLY C 27 -0.12 -17.42 9.68
CA GLY C 27 0.10 -16.35 10.63
C GLY C 27 -0.60 -15.05 10.23
N LEU C 28 -1.09 -14.96 9.01
CA LEU C 28 -1.76 -13.75 8.56
C LEU C 28 -3.28 -13.99 8.54
N LYS C 29 -3.83 -14.05 9.78
CA LYS C 29 -5.21 -14.38 10.08
C LYS C 29 -5.73 -13.40 11.12
N LEU C 30 -6.92 -12.84 10.91
CA LEU C 30 -7.57 -11.96 11.86
C LEU C 30 -8.84 -12.66 12.38
N ASP C 31 -8.96 -12.70 13.70
CA ASP C 31 -10.14 -13.23 14.35
C ASP C 31 -11.14 -12.10 14.50
N VAL C 32 -12.28 -12.19 13.83
CA VAL C 32 -13.35 -11.22 13.96
C VAL C 32 -14.60 -11.85 14.59
N SER C 33 -14.39 -12.95 15.32
CA SER C 33 -15.42 -13.74 16.01
CA SER C 33 -15.52 -13.71 15.86
C SER C 33 -16.39 -12.86 16.81
N LYS C 34 -15.80 -11.91 17.55
CA LYS C 34 -16.55 -11.05 18.47
C LYS C 34 -17.47 -10.11 17.71
N TYR C 35 -17.26 -9.93 16.39
CA TYR C 35 -18.09 -9.00 15.63
C TYR C 35 -19.05 -9.70 14.66
N SER C 36 -19.07 -11.03 14.65
CA SER C 36 -19.95 -11.77 13.74
C SER C 36 -21.37 -11.28 13.91
N ASN C 37 -22.17 -11.34 12.81
CA ASN C 37 -23.59 -11.08 12.83
C ASN C 37 -23.89 -9.70 13.40
N SER C 38 -23.13 -8.70 12.96
CA SER C 38 -23.28 -7.32 13.42
C SER C 38 -23.59 -6.45 12.21
N PRO C 39 -24.87 -6.19 11.98
CA PRO C 39 -25.29 -5.44 10.79
C PRO C 39 -24.75 -4.00 10.80
N CYS C 40 -24.43 -3.52 12.01
CA CYS C 40 -23.94 -2.19 12.28
C CYS C 40 -22.44 -1.98 12.06
N LEU C 41 -21.67 -3.03 11.67
CA LEU C 41 -20.22 -2.94 11.60
C LEU C 41 -19.66 -3.25 10.19
N THR C 42 -18.56 -2.56 9.84
CA THR C 42 -17.76 -2.85 8.66
C THR C 42 -16.29 -2.98 9.08
N ALA C 43 -15.52 -3.84 8.40
CA ALA C 43 -14.08 -3.96 8.53
C ALA C 43 -13.39 -3.49 7.26
N LEU C 44 -12.36 -2.66 7.39
CA LEU C 44 -11.50 -2.23 6.30
C LEU C 44 -10.15 -2.92 6.53
N ILE C 45 -9.82 -3.82 5.63
CA ILE C 45 -8.75 -4.78 5.82
C ILE C 45 -7.62 -4.51 4.86
N THR C 46 -6.39 -4.37 5.40
CA THR C 46 -5.20 -4.10 4.61
C THR C 46 -4.23 -5.26 4.84
N LEU C 47 -3.87 -5.87 3.72
CA LEU C 47 -2.83 -6.87 3.63
C LEU C 47 -1.58 -6.18 3.12
N ASN C 48 -0.51 -6.26 3.88
CA ASN C 48 0.73 -5.58 3.57
C ASN C 48 1.85 -6.61 3.48
N ILE C 49 2.34 -6.83 2.25
CA ILE C 49 3.48 -7.71 2.02
C ILE C 49 4.57 -6.85 1.40
N PRO C 50 5.38 -6.15 2.23
CA PRO C 50 6.21 -5.08 1.70
C PRO C 50 7.42 -5.57 0.91
N THR C 51 7.84 -6.83 1.06
CA THR C 51 9.10 -7.22 0.46
C THR C 51 9.06 -8.64 -0.13
N PRO C 52 8.05 -9.02 -0.96
CA PRO C 52 8.04 -10.35 -1.56
C PRO C 52 8.88 -10.36 -2.82
N TYR C 53 9.17 -11.57 -3.29
CA TYR C 53 9.76 -11.80 -4.59
C TYR C 53 9.25 -13.15 -5.08
N ALA C 54 9.52 -13.41 -6.36
CA ALA C 54 9.14 -14.67 -6.97
C ALA C 54 10.26 -15.11 -7.88
N SER C 55 10.61 -16.39 -7.80
N SER C 55 10.61 -16.41 -7.75
CA SER C 55 11.67 -16.96 -8.62
CA SER C 55 11.62 -17.08 -8.56
C SER C 55 11.03 -17.77 -9.74
C SER C 55 10.93 -17.66 -9.79
N GLY C 56 11.66 -17.78 -10.91
CA GLY C 56 11.11 -18.52 -12.04
C GLY C 56 11.70 -18.04 -13.34
N ASN C 57 11.23 -18.62 -14.47
CA ASN C 57 11.83 -18.32 -15.76
C ASN C 57 10.79 -18.06 -16.87
N ASN C 58 9.61 -17.59 -16.50
CA ASN C 58 8.54 -17.32 -17.45
C ASN C 58 7.70 -16.17 -16.88
N PHE C 59 8.35 -15.01 -16.75
CA PHE C 59 7.74 -13.80 -16.23
C PHE C 59 7.15 -14.08 -14.85
N PRO C 60 7.99 -14.43 -13.86
CA PRO C 60 7.46 -14.88 -12.57
C PRO C 60 6.74 -13.74 -11.85
N GLY C 61 5.96 -14.13 -10.86
CA GLY C 61 5.27 -13.19 -9.98
C GLY C 61 4.51 -13.98 -8.93
N GLY C 62 3.66 -13.26 -8.19
CA GLY C 62 2.89 -13.85 -7.14
C GLY C 62 1.54 -13.15 -7.04
N ASN C 63 0.55 -13.89 -6.59
CA ASN C 63 -0.75 -13.31 -6.29
C ASN C 63 -1.11 -13.46 -4.84
N PHE C 64 -1.92 -12.51 -4.35
CA PHE C 64 -2.38 -12.48 -2.96
C PHE C 64 -3.87 -12.22 -2.94
N ALA C 65 -4.56 -12.75 -1.93
CA ALA C 65 -5.97 -12.47 -1.74
C ALA C 65 -6.29 -12.29 -0.27
N ILE C 66 -7.38 -11.56 -0.01
CA ILE C 66 -8.02 -11.52 1.29
C ILE C 66 -9.33 -12.30 1.20
N VAL C 67 -9.49 -13.27 2.12
CA VAL C 67 -10.62 -14.18 2.03
CA VAL C 67 -10.58 -14.23 2.04
C VAL C 67 -11.21 -14.38 3.42
N THR C 68 -12.49 -14.75 3.45
CA THR C 68 -13.11 -15.05 4.74
C THR C 68 -13.04 -16.56 4.97
N ASP C 69 -13.40 -16.98 6.20
CA ASP C 69 -13.60 -18.39 6.51
C ASP C 69 -14.73 -19.00 5.68
N GLN C 70 -15.67 -18.20 5.19
CA GLN C 70 -16.81 -18.68 4.40
C GLN C 70 -16.39 -18.97 2.95
N GLY C 71 -15.11 -18.67 2.61
CA GLY C 71 -14.51 -18.88 1.30
C GLY C 71 -14.74 -17.71 0.35
N GLU C 72 -15.18 -16.57 0.87
CA GLU C 72 -15.46 -15.43 0.04
C GLU C 72 -14.14 -14.70 -0.20
N GLN C 73 -13.82 -14.50 -1.48
CA GLN C 73 -12.63 -13.75 -1.87
C GLN C 73 -13.04 -12.28 -1.96
N LEU C 74 -12.52 -11.48 -1.04
CA LEU C 74 -12.90 -10.09 -0.93
C LEU C 74 -12.09 -9.20 -1.85
N ALA C 75 -10.85 -9.60 -2.10
CA ALA C 75 -9.94 -8.79 -2.91
C ALA C 75 -8.78 -9.70 -3.34
N TYR C 76 -8.14 -9.33 -4.42
CA TYR C 76 -6.99 -10.06 -4.92
C TYR C 76 -6.17 -9.13 -5.81
N GLY C 77 -4.90 -9.50 -5.97
CA GLY C 77 -4.00 -8.79 -6.86
C GLY C 77 -2.62 -9.44 -6.81
N GLY C 78 -1.68 -8.86 -7.55
CA GLY C 78 -0.37 -9.46 -7.53
C GLY C 78 0.67 -8.60 -8.21
N PHE C 79 1.91 -9.11 -8.15
CA PHE C 79 3.05 -8.50 -8.79
C PHE C 79 3.62 -9.47 -9.82
N THR C 80 4.23 -8.90 -10.85
CA THR C 80 5.02 -9.71 -11.80
C THR C 80 6.18 -8.88 -12.30
N TYR C 81 7.24 -9.60 -12.76
CA TYR C 81 8.38 -8.95 -13.39
C TYR C 81 8.19 -8.76 -14.90
N SER C 82 8.96 -7.82 -15.44
CA SER C 82 8.78 -7.34 -16.82
C SER C 82 9.75 -8.04 -17.78
N SER C 83 10.65 -8.85 -17.25
CA SER C 83 11.56 -9.66 -18.03
CA SER C 83 11.52 -9.65 -18.08
C SER C 83 11.20 -11.13 -17.86
N LYS C 84 11.40 -11.92 -18.92
CA LYS C 84 11.00 -13.31 -18.84
C LYS C 84 11.77 -14.08 -17.77
N ILE C 85 13.09 -13.86 -17.76
CA ILE C 85 13.99 -14.45 -16.78
C ILE C 85 14.73 -13.34 -16.06
N PRO C 86 14.19 -12.85 -14.93
CA PRO C 86 14.83 -11.73 -14.23
C PRO C 86 16.26 -12.14 -13.86
N GLU C 87 17.18 -11.18 -13.97
CA GLU C 87 18.58 -11.42 -13.63
C GLU C 87 18.67 -11.92 -12.18
N ASN C 88 17.97 -11.24 -11.27
CA ASN C 88 17.82 -11.70 -9.89
C ASN C 88 16.55 -11.06 -9.34
N SER C 89 15.52 -11.89 -9.19
CA SER C 89 14.18 -11.42 -8.88
C SER C 89 14.20 -10.51 -7.67
N GLY C 90 13.76 -9.27 -7.90
CA GLY C 90 13.82 -8.18 -6.93
C GLY C 90 12.57 -8.11 -6.08
N ARG C 91 12.64 -7.24 -5.06
CA ARG C 91 11.56 -7.12 -4.11
C ARG C 91 10.54 -6.13 -4.65
N MET C 92 9.28 -6.58 -4.77
CA MET C 92 8.21 -5.79 -5.37
C MET C 92 7.10 -5.58 -4.32
N PRO C 93 7.10 -4.45 -3.60
CA PRO C 93 6.18 -4.24 -2.49
C PRO C 93 4.72 -4.38 -2.92
N PHE C 94 3.91 -4.98 -2.03
CA PHE C 94 2.53 -5.27 -2.36
C PHE C 94 1.64 -4.94 -1.17
N THR C 95 0.55 -4.20 -1.44
CA THR C 95 -0.52 -3.94 -0.47
C THR C 95 -1.86 -4.16 -1.18
N LEU C 96 -2.84 -4.65 -0.41
CA LEU C 96 -4.19 -4.94 -0.88
C LEU C 96 -5.18 -4.51 0.17
N VAL C 97 -6.27 -3.85 -0.22
CA VAL C 97 -7.24 -3.32 0.72
C VAL C 97 -8.62 -3.83 0.32
N ALA C 98 -9.35 -4.32 1.32
CA ALA C 98 -10.68 -4.91 1.15
C ALA C 98 -11.62 -4.33 2.20
N ARG C 99 -12.91 -4.51 1.93
N ARG C 99 -12.92 -4.51 1.94
CA ARG C 99 -13.94 -4.17 2.89
CA ARG C 99 -13.98 -4.12 2.86
C ARG C 99 -14.78 -5.42 3.12
C ARG C 99 -14.87 -5.33 3.09
N TYR C 100 -15.29 -5.54 4.34
CA TYR C 100 -16.25 -6.59 4.63
C TYR C 100 -17.28 -6.09 5.63
N SER C 101 -18.56 -6.25 5.24
CA SER C 101 -19.67 -6.07 6.13
C SER C 101 -19.67 -7.22 7.12
N LEU C 102 -19.78 -6.92 8.42
CA LEU C 102 -19.80 -7.95 9.43
C LEU C 102 -21.23 -8.39 9.76
N ALA C 103 -22.18 -8.15 8.84
CA ALA C 103 -23.57 -8.58 9.02
C ALA C 103 -23.70 -10.10 9.01
N SER C 104 -22.78 -10.77 8.32
CA SER C 104 -22.86 -12.21 8.12
C SER C 104 -22.18 -12.92 9.26
N ASN C 105 -22.20 -14.27 9.19
CA ASN C 105 -21.68 -15.07 10.26
C ASN C 105 -20.18 -15.38 10.10
N VAL C 106 -19.39 -14.37 9.75
CA VAL C 106 -17.97 -14.54 9.49
C VAL C 106 -17.19 -14.54 10.80
N SER C 107 -16.13 -15.34 10.87
CA SER C 107 -15.31 -15.35 12.07
C SER C 107 -13.83 -15.08 11.79
N THR C 108 -13.32 -15.37 10.57
CA THR C 108 -11.92 -15.14 10.24
C THR C 108 -11.81 -14.41 8.89
N ILE C 109 -10.88 -13.45 8.85
CA ILE C 109 -10.41 -12.87 7.60
C ILE C 109 -8.92 -13.15 7.50
N LYS C 110 -8.48 -13.68 6.37
CA LYS C 110 -7.12 -14.10 6.29
C LYS C 110 -6.55 -13.91 4.90
N ALA C 111 -5.23 -13.98 4.87
CA ALA C 111 -4.46 -13.82 3.65
C ALA C 111 -4.18 -15.14 2.96
N GLN C 112 -4.20 -15.10 1.64
CA GLN C 112 -3.82 -16.24 0.83
C GLN C 112 -2.88 -15.80 -0.28
N TRP C 113 -2.12 -16.76 -0.83
CA TRP C 113 -1.24 -16.50 -1.97
C TRP C 113 -1.25 -17.69 -2.92
N SER C 114 -0.73 -17.40 -4.12
CA SER C 114 -0.58 -18.38 -5.21
C SER C 114 0.48 -17.88 -6.18
N ASN C 115 0.97 -18.78 -7.01
CA ASN C 115 2.06 -18.49 -7.92
C ASN C 115 1.49 -18.03 -9.27
N ILE C 116 2.37 -17.72 -10.21
N ILE C 116 2.41 -17.79 -10.21
CA ILE C 116 1.93 -17.53 -11.57
CA ILE C 116 2.12 -17.32 -11.56
C ILE C 116 3.02 -18.09 -12.47
C ILE C 116 3.08 -18.03 -12.52
N ARG C 117 2.54 -18.73 -13.55
CA ARG C 117 3.40 -19.26 -14.58
C ARG C 117 4.51 -20.13 -13.97
N GLY C 118 4.12 -20.95 -12.97
CA GLY C 118 5.01 -21.90 -12.32
C GLY C 118 6.09 -21.33 -11.41
N SER C 119 5.96 -20.07 -11.04
CA SER C 119 6.93 -19.43 -10.17
C SER C 119 6.90 -20.06 -8.77
N THR C 120 7.87 -19.65 -7.94
CA THR C 120 7.82 -19.82 -6.51
C THR C 120 7.81 -18.45 -5.83
N VAL C 121 6.79 -18.21 -5.01
CA VAL C 121 6.65 -16.92 -4.31
C VAL C 121 7.32 -17.08 -2.96
N HIS C 122 7.95 -15.99 -2.49
CA HIS C 122 8.71 -16.02 -1.25
C HIS C 122 8.37 -14.82 -0.37
N ILE C 123 8.32 -15.08 0.95
CA ILE C 123 8.31 -14.07 1.99
C ILE C 123 9.36 -14.45 3.03
N ASP C 124 10.30 -13.56 3.31
CA ASP C 124 11.36 -13.86 4.27
C ASP C 124 11.53 -12.72 5.27
N SER C 125 10.53 -11.86 5.41
CA SER C 125 10.66 -10.67 6.25
C SER C 125 9.25 -10.17 6.57
N TYR C 126 9.17 -9.11 7.39
CA TYR C 126 7.94 -8.60 7.96
C TYR C 126 6.83 -8.50 6.92
N ALA C 127 5.63 -8.88 7.37
CA ALA C 127 4.40 -8.77 6.61
C ALA C 127 3.28 -8.68 7.63
N SER C 128 2.14 -8.03 7.29
CA SER C 128 1.03 -7.88 8.23
C SER C 128 -0.30 -7.92 7.51
N ILE C 129 -1.35 -8.22 8.30
CA ILE C 129 -2.73 -8.06 7.90
C ILE C 129 -3.43 -7.36 9.05
N SER C 130 -4.26 -6.38 8.72
CA SER C 130 -4.85 -5.53 9.73
C SER C 130 -6.24 -5.15 9.33
N ALA C 131 -7.04 -4.79 10.34
CA ALA C 131 -8.34 -4.24 10.02
C ALA C 131 -8.72 -3.14 11.00
N VAL C 132 -9.43 -2.18 10.45
CA VAL C 132 -10.11 -1.19 11.26
C VAL C 132 -11.59 -1.52 11.18
N ILE C 133 -12.19 -1.71 12.37
CA ILE C 133 -13.59 -2.07 12.46
C ILE C 133 -14.34 -0.90 13.06
N GLN C 134 -15.38 -0.44 12.34
CA GLN C 134 -16.12 0.73 12.69
C GLN C 134 -17.60 0.56 12.47
N CYS C 135 -18.36 1.34 13.27
CA CYS C 135 -19.78 1.50 13.03
C CYS C 135 -19.98 2.15 11.68
N ASN C 136 -21.04 1.75 10.96
CA ASN C 136 -21.35 2.27 9.63
C ASN C 136 -21.73 3.76 9.69
N GLN C 137 -22.09 4.27 10.88
CA GLN C 137 -22.46 5.67 11.05
C GLN C 137 -21.48 6.39 12.02
#